data_4EDR
#
_entry.id   4EDR
#
_cell.length_a   150.582
_cell.length_b   150.582
_cell.length_c   38.633
_cell.angle_alpha   90.000
_cell.angle_beta   90.000
_cell.angle_gamma   120.000
#
_symmetry.space_group_name_H-M   'P 61'
#
loop_
_entity.id
_entity.type
_entity.pdbx_description
1 polymer 'DNA primase'
2 non-polymer BENZAMIDINE
3 non-polymer "URIDINE 5'-TRIPHOSPHATE"
4 non-polymer 'MANGANESE (II) ION'
5 water water
#
_entity_poly.entity_id   1
_entity_poly.type   'polypeptide(L)'
_entity_poly.pdbx_seq_one_letter_code
;SNADDLQMIEMHELIQEFYYYALTKTVEGEQALTYLQERGFTDALIKERGIGFAPDSSHFCHDFLQKKGYDIELAYEAGL
LSRNEENFSYYDRFRNRIMFPLKNAQGRIVGYSGRTYTGQEPKYLNSPETPIFQKRKLLYNLDKARKSIRKLDEIVLLEG
FMDVIKSDTAGLKNVVATMGTQLSDEHITFIRKLTSNITLMFDGDFAGSEATLKTGQHLLQQGLNVFVIQLPSGMDPDEY
IGKYGNDAFTTFVKNDKKSFAHYKVSILKDEIAHNDLSYERYLKELSHDISLMKSSILQQKAINDVAPFFNVSPEQLANE
IQFNQAPAN
;
_entity_poly.pdbx_strand_id   A
#
# COMPACT_ATOMS: atom_id res chain seq x y z
N SER A 1 15.08 4.59 23.24
CA SER A 1 16.16 3.62 23.29
C SER A 1 15.71 2.31 22.67
N ASN A 2 16.69 1.46 22.33
CA ASN A 2 16.38 0.15 21.75
C ASN A 2 15.58 -0.72 22.71
N ALA A 3 15.86 -0.58 24.01
CA ALA A 3 15.13 -1.34 25.02
C ALA A 3 13.67 -0.93 25.06
N ASP A 4 13.42 0.37 25.00
CA ASP A 4 12.05 0.88 24.98
C ASP A 4 11.33 0.49 23.70
N ASP A 5 12.06 0.48 22.58
CA ASP A 5 11.49 0.08 21.30
C ASP A 5 11.02 -1.37 21.36
N LEU A 6 11.84 -2.22 21.97
CA LEU A 6 11.50 -3.64 22.12
C LEU A 6 10.28 -3.82 23.01
N GLN A 7 10.19 -3.03 24.09
CA GLN A 7 9.03 -3.04 24.96
C GLN A 7 7.75 -2.72 24.17
N MET A 8 7.84 -1.71 23.32
CA MET A 8 6.71 -1.28 22.50
C MET A 8 6.28 -2.37 21.52
N ILE A 9 7.25 -3.04 20.92
CA ILE A 9 6.97 -4.13 20.01
C ILE A 9 6.29 -5.28 20.75
N GLU A 10 6.80 -5.59 21.94
CA GLU A 10 6.21 -6.63 22.79
C GLU A 10 4.74 -6.36 23.07
N MET A 11 4.43 -5.12 23.44
CA MET A 11 3.06 -4.71 23.70
C MET A 11 2.16 -5.03 22.50
N HIS A 12 2.62 -4.65 21.32
CA HIS A 12 1.87 -4.90 20.08
C HIS A 12 1.66 -6.37 19.81
N GLU A 13 2.72 -7.16 19.98
CA GLU A 13 2.67 -8.59 19.67
C GLU A 13 1.87 -9.38 20.70
N LEU A 14 1.85 -8.89 21.93
CA LEU A 14 1.06 -9.54 22.97
C LEU A 14 -0.43 -9.23 22.85
N ILE A 15 -0.76 -7.97 22.60
CA ILE A 15 -2.17 -7.57 22.46
C ILE A 15 -2.78 -8.17 21.19
N GLN A 16 -1.92 -8.48 20.22
CA GLN A 16 -2.37 -9.12 18.97
C GLN A 16 -3.09 -10.43 19.28
N GLU A 17 -2.53 -11.21 20.21
CA GLU A 17 -3.12 -12.48 20.58
C GLU A 17 -4.51 -12.28 21.19
N PHE A 18 -4.66 -11.20 21.96
CA PHE A 18 -5.93 -10.90 22.60
C PHE A 18 -6.95 -10.39 21.57
N TYR A 19 -6.50 -9.53 20.66
CA TYR A 19 -7.35 -9.05 19.58
C TYR A 19 -7.86 -10.19 18.73
N TYR A 20 -6.97 -11.15 18.45
CA TYR A 20 -7.32 -12.31 17.62
C TYR A 20 -8.37 -13.17 18.30
N TYR A 21 -8.22 -13.38 19.60
CA TYR A 21 -9.21 -14.13 20.38
C TYR A 21 -10.55 -13.41 20.39
N ALA A 22 -10.50 -12.09 20.58
CA ALA A 22 -11.72 -11.29 20.64
C ALA A 22 -12.53 -11.40 19.35
N LEU A 23 -11.83 -11.39 18.22
CA LEU A 23 -12.47 -11.46 16.91
C LEU A 23 -13.07 -12.83 16.63
N THR A 24 -12.27 -13.87 16.86
CA THR A 24 -12.63 -15.21 16.40
C THR A 24 -13.51 -15.99 17.38
N LYS A 25 -13.50 -15.60 18.65
CA LYS A 25 -14.15 -16.42 19.68
C LYS A 25 -15.25 -15.73 20.49
N THR A 26 -15.11 -14.42 20.73
CA THR A 26 -16.01 -13.75 21.66
C THR A 26 -17.31 -13.26 21.03
N VAL A 27 -18.31 -13.04 21.87
CA VAL A 27 -19.63 -12.58 21.43
C VAL A 27 -19.55 -11.19 20.80
N GLU A 28 -18.79 -10.29 21.42
CA GLU A 28 -18.70 -8.92 20.90
C GLU A 28 -18.06 -8.85 19.52
N GLY A 29 -17.18 -9.80 19.22
CA GLY A 29 -16.49 -9.81 17.95
C GLY A 29 -17.26 -10.47 16.81
N GLU A 30 -18.45 -10.98 17.10
CA GLU A 30 -19.21 -11.76 16.12
C GLU A 30 -19.57 -11.01 14.84
N GLN A 31 -20.04 -9.77 14.97
CA GLN A 31 -20.39 -8.98 13.78
C GLN A 31 -19.17 -8.66 12.94
N ALA A 32 -18.07 -8.32 13.60
CA ALA A 32 -16.82 -8.02 12.91
C ALA A 32 -16.32 -9.24 12.15
N LEU A 33 -16.46 -10.42 12.76
CA LEU A 33 -16.04 -11.66 12.13
C LEU A 33 -16.87 -11.93 10.88
N THR A 34 -18.18 -11.73 11.00
CA THR A 34 -19.09 -11.90 9.86
C THR A 34 -18.72 -10.97 8.71
N TYR A 35 -18.40 -9.72 9.05
CA TYR A 35 -17.97 -8.74 8.06
C TYR A 35 -16.77 -9.22 7.25
N LEU A 36 -15.74 -9.71 7.95
CA LEU A 36 -14.55 -10.20 7.30
C LEU A 36 -14.84 -11.42 6.43
N GLN A 37 -15.67 -12.32 6.96
CA GLN A 37 -16.03 -13.53 6.23
C GLN A 37 -16.78 -13.21 4.94
N GLU A 38 -17.64 -12.18 4.99
CA GLU A 38 -18.37 -11.75 3.81
C GLU A 38 -17.44 -11.06 2.80
N ARG A 39 -16.26 -10.66 3.25
CA ARG A 39 -15.26 -10.10 2.35
C ARG A 39 -14.26 -11.17 1.91
N GLY A 40 -14.61 -12.43 2.13
CA GLY A 40 -13.82 -13.54 1.61
C GLY A 40 -12.71 -14.05 2.52
N PHE A 41 -12.66 -13.54 3.75
CA PHE A 41 -11.65 -13.99 4.70
C PHE A 41 -12.00 -15.35 5.29
N THR A 42 -11.17 -16.34 5.00
CA THR A 42 -11.31 -17.66 5.61
C THR A 42 -10.70 -17.62 7.00
N ASP A 43 -10.99 -18.63 7.82
CA ASP A 43 -10.40 -18.73 9.14
C ASP A 43 -8.87 -18.76 9.05
N ALA A 44 -8.37 -19.46 8.04
CA ALA A 44 -6.93 -19.61 7.83
C ALA A 44 -6.26 -18.27 7.51
N LEU A 45 -6.90 -17.48 6.65
CA LEU A 45 -6.35 -16.19 6.26
C LEU A 45 -6.34 -15.22 7.43
N ILE A 46 -7.41 -15.23 8.20
CA ILE A 46 -7.52 -14.39 9.38
C ILE A 46 -6.40 -14.72 10.38
N LYS A 47 -6.17 -16.00 10.58
CA LYS A 47 -5.11 -16.46 11.49
C LYS A 47 -3.73 -16.11 10.93
N GLU A 48 -3.56 -16.33 9.62
CA GLU A 48 -2.29 -16.05 8.96
C GLU A 48 -1.88 -14.58 9.09
N ARG A 49 -2.82 -13.68 8.86
CA ARG A 49 -2.55 -12.25 8.94
C ARG A 49 -2.64 -11.72 10.38
N GLY A 50 -3.07 -12.59 11.30
CA GLY A 50 -3.19 -12.21 12.69
C GLY A 50 -4.23 -11.14 12.96
N ILE A 51 -5.26 -11.11 12.12
CA ILE A 51 -6.30 -10.09 12.22
C ILE A 51 -7.14 -10.28 13.46
N GLY A 52 -7.50 -9.18 14.11
CA GLY A 52 -8.26 -9.24 15.35
C GLY A 52 -9.37 -8.21 15.46
N PHE A 53 -9.88 -8.04 16.68
CA PHE A 53 -10.95 -7.10 16.96
C PHE A 53 -10.68 -6.38 18.27
N ALA A 54 -10.85 -5.07 18.26
CA ALA A 54 -10.72 -4.27 19.47
C ALA A 54 -12.11 -3.95 20.00
N PRO A 55 -12.42 -4.43 21.22
CA PRO A 55 -13.71 -4.16 21.87
C PRO A 55 -13.93 -2.66 22.09
N ASP A 56 -15.16 -2.28 22.42
CA ASP A 56 -15.51 -0.86 22.51
C ASP A 56 -15.46 -0.29 23.92
N SER A 57 -14.92 -1.06 24.86
CA SER A 57 -14.94 -0.68 26.28
C SER A 57 -14.08 0.55 26.58
N SER A 58 -13.09 0.78 25.72
CA SER A 58 -12.11 1.88 25.85
C SER A 58 -11.00 1.61 26.88
N HIS A 59 -11.02 0.43 27.50
CA HIS A 59 -9.97 0.07 28.45
C HIS A 59 -9.52 -1.37 28.31
N PHE A 60 -9.85 -1.97 27.17
CA PHE A 60 -9.48 -3.35 26.87
C PHE A 60 -7.96 -3.51 26.78
N CYS A 61 -7.33 -2.74 25.90
CA CYS A 61 -5.88 -2.78 25.73
C CYS A 61 -5.18 -2.22 26.96
N HIS A 62 -5.72 -1.13 27.50
CA HIS A 62 -5.15 -0.49 28.69
C HIS A 62 -5.01 -1.47 29.86
N ASP A 63 -6.10 -2.16 30.20
CA ASP A 63 -6.09 -3.07 31.33
C ASP A 63 -5.15 -4.26 31.11
N PHE A 64 -5.11 -4.75 29.87
CA PHE A 64 -4.24 -5.87 29.52
C PHE A 64 -2.77 -5.51 29.71
N LEU A 65 -2.36 -4.37 29.14
CA LEU A 65 -0.98 -3.92 29.25
C LEU A 65 -0.63 -3.59 30.70
N GLN A 66 -1.60 -3.05 31.42
CA GLN A 66 -1.41 -2.75 32.83
C GLN A 66 -1.19 -4.02 33.63
N LYS A 67 -2.01 -5.03 33.36
CA LYS A 67 -1.90 -6.33 34.02
C LYS A 67 -0.56 -6.99 33.72
N LYS A 68 -0.08 -6.83 32.50
CA LYS A 68 1.18 -7.45 32.07
C LYS A 68 2.40 -6.69 32.60
N GLY A 69 2.16 -5.58 33.27
CA GLY A 69 3.24 -4.85 33.92
C GLY A 69 3.95 -3.84 33.04
N TYR A 70 3.32 -3.42 31.97
CA TYR A 70 3.90 -2.42 31.09
C TYR A 70 3.61 -1.01 31.60
N ASP A 71 4.56 -0.11 31.38
CA ASP A 71 4.38 1.29 31.74
C ASP A 71 3.31 1.91 30.84
N ILE A 72 2.28 2.47 31.44
CA ILE A 72 1.14 3.01 30.70
C ILE A 72 1.53 4.16 29.78
N GLU A 73 2.41 5.03 30.26
CA GLU A 73 2.87 6.17 29.46
C GLU A 73 3.64 5.68 28.23
N LEU A 74 4.40 4.61 28.39
CA LEU A 74 5.13 4.02 27.27
C LEU A 74 4.17 3.42 26.25
N ALA A 75 3.06 2.88 26.75
CA ALA A 75 2.02 2.34 25.88
C ALA A 75 1.35 3.44 25.08
N TYR A 76 1.25 4.63 25.69
CA TYR A 76 0.74 5.81 25.02
C TYR A 76 1.73 6.26 23.94
N GLU A 77 3.01 6.27 24.29
CA GLU A 77 4.04 6.63 23.33
C GLU A 77 4.14 5.61 22.20
N ALA A 78 3.74 4.37 22.50
CA ALA A 78 3.72 3.30 21.50
C ALA A 78 2.49 3.40 20.59
N GLY A 79 1.61 4.35 20.89
CA GLY A 79 0.45 4.61 20.06
C GLY A 79 -0.70 3.63 20.25
N LEU A 80 -0.65 2.85 21.32
CA LEU A 80 -1.72 1.91 21.63
C LEU A 80 -2.79 2.55 22.49
N LEU A 81 -2.41 3.56 23.25
CA LEU A 81 -3.34 4.27 24.13
C LEU A 81 -3.41 5.75 23.77
N SER A 82 -4.57 6.34 24.01
CA SER A 82 -4.74 7.78 23.88
C SER A 82 -4.76 8.41 25.26
N ARG A 83 -4.60 9.73 25.33
CA ARG A 83 -4.59 10.42 26.62
C ARG A 83 -5.59 11.56 26.67
N ASN A 84 -6.46 11.53 27.68
CA ASN A 84 -7.38 12.64 27.92
C ASN A 84 -6.61 13.79 28.54
N GLU A 85 -6.45 14.87 27.80
CA GLU A 85 -5.61 15.99 28.22
C GLU A 85 -6.18 16.76 29.42
N GLU A 86 -7.48 16.60 29.67
CA GLU A 86 -8.12 17.29 30.78
C GLU A 86 -7.73 16.69 32.13
N ASN A 87 -7.76 15.37 32.23
CA ASN A 87 -7.48 14.69 33.50
C ASN A 87 -6.25 13.78 33.44
N PHE A 88 -5.53 13.82 32.33
CA PHE A 88 -4.32 13.00 32.14
C PHE A 88 -4.57 11.50 32.23
N SER A 89 -5.81 11.08 32.02
CA SER A 89 -6.15 9.66 32.05
C SER A 89 -5.89 9.01 30.70
N TYR A 90 -5.68 7.70 30.71
CA TYR A 90 -5.38 6.96 29.48
C TYR A 90 -6.50 6.00 29.10
N TYR A 91 -6.70 5.82 27.80
CA TYR A 91 -7.71 4.91 27.29
C TYR A 91 -7.30 4.34 25.94
N ASP A 92 -8.04 3.34 25.46
CA ASP A 92 -7.73 2.67 24.21
C ASP A 92 -7.86 3.61 23.00
N ARG A 93 -6.82 3.65 22.18
CA ARG A 93 -6.88 4.39 20.93
C ARG A 93 -7.79 3.68 19.94
N PHE A 94 -7.74 2.35 19.95
CA PHE A 94 -8.52 1.55 19.01
C PHE A 94 -9.74 0.94 19.70
N ARG A 95 -10.93 1.32 19.23
CA ARG A 95 -12.18 0.88 19.84
C ARG A 95 -13.20 0.49 18.78
N ASN A 96 -13.80 -0.70 18.94
CA ASN A 96 -14.78 -1.24 18.00
C ASN A 96 -14.28 -1.24 16.55
N ARG A 97 -13.06 -1.71 16.35
CA ARG A 97 -12.48 -1.77 15.02
C ARG A 97 -11.80 -3.12 14.75
N ILE A 98 -11.74 -3.49 13.49
CA ILE A 98 -11.05 -4.71 13.08
C ILE A 98 -9.56 -4.40 12.96
N MET A 99 -8.75 -5.14 13.71
CA MET A 99 -7.34 -4.80 13.89
C MET A 99 -6.40 -5.58 12.98
N PHE A 100 -5.76 -4.87 12.06
CA PHE A 100 -4.78 -5.46 11.17
C PHE A 100 -3.38 -5.10 11.65
N PRO A 101 -2.59 -6.11 12.04
CA PRO A 101 -1.22 -5.87 12.50
C PRO A 101 -0.38 -5.27 11.38
N LEU A 102 0.43 -4.27 11.72
CA LEU A 102 1.36 -3.68 10.77
C LEU A 102 2.78 -4.06 11.18
N LYS A 103 3.42 -4.87 10.36
CA LYS A 103 4.76 -5.37 10.67
C LYS A 103 5.85 -4.60 9.96
N ASN A 104 6.99 -4.39 10.65
CA ASN A 104 8.11 -3.72 10.03
C ASN A 104 8.86 -4.64 9.08
N ALA A 105 9.99 -4.17 8.55
CA ALA A 105 10.77 -4.93 7.58
C ALA A 105 11.32 -6.23 8.16
N GLN A 106 11.41 -6.32 9.48
CA GLN A 106 11.92 -7.51 10.14
C GLN A 106 10.79 -8.44 10.62
N GLY A 107 9.56 -8.06 10.32
CA GLY A 107 8.41 -8.90 10.64
C GLY A 107 7.89 -8.73 12.05
N ARG A 108 8.34 -7.69 12.74
CA ARG A 108 7.83 -7.39 14.08
C ARG A 108 6.63 -6.47 13.99
N ILE A 109 5.62 -6.71 14.80
CA ILE A 109 4.44 -5.84 14.83
C ILE A 109 4.78 -4.53 15.52
N VAL A 110 4.63 -3.43 14.79
CA VAL A 110 5.00 -2.12 15.32
C VAL A 110 3.85 -1.14 15.33
N GLY A 111 2.70 -1.56 14.80
CA GLY A 111 1.52 -0.72 14.78
C GLY A 111 0.29 -1.47 14.32
N TYR A 112 -0.83 -0.77 14.26
CA TYR A 112 -2.09 -1.35 13.82
C TYR A 112 -2.84 -0.41 12.88
N SER A 113 -3.61 -1.01 11.98
CA SER A 113 -4.65 -0.27 11.26
C SER A 113 -5.98 -0.87 11.66
N GLY A 114 -6.86 -0.04 12.23
CA GLY A 114 -8.15 -0.51 12.68
C GLY A 114 -9.27 -0.03 11.76
N ARG A 115 -9.93 -0.95 11.10
CA ARG A 115 -11.02 -0.59 10.21
C ARG A 115 -12.36 -0.63 10.92
N THR A 116 -13.20 0.35 10.63
CA THR A 116 -14.58 0.31 11.06
C THR A 116 -15.29 -0.81 10.30
N TYR A 117 -16.37 -1.31 10.88
CA TYR A 117 -17.22 -2.26 10.18
C TYR A 117 -18.68 -1.80 10.31
N THR A 118 -18.84 -0.58 10.81
CA THR A 118 -20.16 0.01 11.01
C THR A 118 -20.26 1.38 10.35
N GLY A 119 -19.43 1.60 9.33
CA GLY A 119 -19.49 2.81 8.54
C GLY A 119 -19.08 4.08 9.27
N GLN A 120 -18.19 3.95 10.23
CA GLN A 120 -17.72 5.10 11.00
C GLN A 120 -16.54 5.81 10.33
N GLU A 121 -16.23 7.01 10.81
CA GLU A 121 -15.11 7.79 10.29
C GLU A 121 -14.02 7.92 11.34
N PRO A 122 -12.75 7.75 10.94
CA PRO A 122 -12.34 7.41 9.57
C PRO A 122 -12.49 5.92 9.31
N LYS A 123 -12.54 5.53 8.04
CA LYS A 123 -12.66 4.11 7.67
C LYS A 123 -11.56 3.29 8.31
N TYR A 124 -10.32 3.73 8.14
CA TYR A 124 -9.18 3.11 8.81
C TYR A 124 -8.54 4.08 9.79
N LEU A 125 -8.31 3.60 11.01
CA LEU A 125 -7.54 4.36 11.99
C LEU A 125 -6.21 3.66 12.23
N ASN A 126 -5.12 4.36 11.93
CA ASN A 126 -3.79 3.81 12.08
C ASN A 126 -3.13 4.23 13.38
N SER A 127 -2.05 3.54 13.74
CA SER A 127 -1.19 3.99 14.82
C SER A 127 -0.64 5.36 14.44
N PRO A 128 -0.41 6.22 15.44
CA PRO A 128 0.26 7.49 15.15
C PRO A 128 1.74 7.23 14.92
N GLU A 129 2.48 8.25 14.51
CA GLU A 129 3.94 8.12 14.39
C GLU A 129 4.53 7.82 15.77
N THR A 130 5.35 6.78 15.86
CA THR A 130 5.98 6.38 17.11
C THR A 130 7.46 6.09 16.85
N PRO A 131 8.25 5.81 17.90
CA PRO A 131 9.65 5.44 17.63
C PRO A 131 9.80 4.15 16.80
N ILE A 132 8.76 3.33 16.73
CA ILE A 132 8.85 2.07 16.00
C ILE A 132 7.96 2.02 14.76
N PHE A 133 6.98 2.92 14.69
CA PHE A 133 6.10 2.99 13.53
C PHE A 133 6.21 4.34 12.84
N GLN A 134 6.73 4.32 11.62
CA GLN A 134 6.88 5.53 10.81
C GLN A 134 6.36 5.26 9.41
N LYS A 135 5.34 6.00 9.01
CA LYS A 135 4.68 5.77 7.72
C LYS A 135 5.59 6.02 6.53
N ARG A 136 6.61 6.87 6.71
CA ARG A 136 7.54 7.17 5.63
C ARG A 136 8.55 6.03 5.43
N LYS A 137 8.57 5.08 6.36
CA LYS A 137 9.49 3.96 6.28
C LYS A 137 8.80 2.62 6.08
N LEU A 138 7.65 2.42 6.72
CA LEU A 138 6.97 1.14 6.68
C LEU A 138 6.30 0.86 5.34
N LEU A 139 6.54 -0.33 4.80
CA LEU A 139 5.83 -0.82 3.63
C LEU A 139 5.11 -2.09 4.05
N TYR A 140 3.79 -2.09 3.96
CA TYR A 140 3.01 -3.25 4.39
C TYR A 140 3.38 -4.47 3.56
N ASN A 141 3.59 -5.60 4.26
CA ASN A 141 3.88 -6.90 3.66
C ASN A 141 5.31 -7.07 3.15
N LEU A 142 6.17 -6.08 3.39
CA LEU A 142 7.53 -6.11 2.86
C LEU A 142 8.34 -7.33 3.32
N ASP A 143 8.23 -7.67 4.59
CA ASP A 143 8.98 -8.80 5.13
C ASP A 143 8.57 -10.12 4.48
N LYS A 144 7.28 -10.23 4.16
CA LYS A 144 6.76 -11.44 3.53
C LYS A 144 7.02 -11.43 2.03
N ALA A 145 7.03 -10.24 1.43
CA ALA A 145 7.16 -10.12 -0.01
C ALA A 145 8.60 -10.09 -0.52
N ARG A 146 9.54 -9.82 0.39
CA ARG A 146 10.94 -9.63 0.02
C ARG A 146 11.52 -10.75 -0.85
N LYS A 147 11.24 -11.99 -0.48
CA LYS A 147 11.74 -13.15 -1.20
C LYS A 147 11.29 -13.16 -2.66
N SER A 148 9.99 -12.96 -2.88
CA SER A 148 9.43 -12.96 -4.22
C SER A 148 9.87 -11.74 -5.02
N ILE A 149 10.02 -10.60 -4.33
CA ILE A 149 10.48 -9.38 -4.97
C ILE A 149 11.87 -9.58 -5.58
N ARG A 150 12.76 -10.22 -4.82
CA ARG A 150 14.10 -10.51 -5.31
C ARG A 150 14.07 -11.56 -6.41
N LYS A 151 13.27 -12.61 -6.21
CA LYS A 151 13.16 -13.69 -7.19
C LYS A 151 12.61 -13.21 -8.52
N LEU A 152 11.56 -12.39 -8.46
CA LEU A 152 10.90 -11.92 -9.68
C LEU A 152 11.52 -10.63 -10.20
N ASP A 153 12.45 -10.07 -9.44
CA ASP A 153 13.11 -8.80 -9.78
C ASP A 153 12.08 -7.72 -10.10
N GLU A 154 11.09 -7.59 -9.23
CA GLU A 154 10.02 -6.63 -9.42
C GLU A 154 9.23 -6.44 -8.13
N ILE A 155 8.90 -5.20 -7.83
CA ILE A 155 8.00 -4.92 -6.72
C ILE A 155 6.72 -4.29 -7.26
N VAL A 156 5.57 -4.71 -6.74
CA VAL A 156 4.30 -4.17 -7.17
C VAL A 156 3.68 -3.36 -6.03
N LEU A 157 3.37 -2.10 -6.30
CA LEU A 157 2.87 -1.20 -5.28
C LEU A 157 1.37 -0.98 -5.41
N LEU A 158 0.63 -1.28 -4.34
CA LEU A 158 -0.80 -1.07 -4.31
C LEU A 158 -1.13 0.08 -3.35
N GLU A 159 -2.38 0.54 -3.38
CA GLU A 159 -2.80 1.61 -2.49
C GLU A 159 -3.13 1.09 -1.09
N GLY A 160 -3.88 0.00 -1.03
CA GLY A 160 -4.37 -0.50 0.23
C GLY A 160 -3.73 -1.80 0.67
N PHE A 161 -3.50 -1.94 1.97
CA PHE A 161 -2.95 -3.19 2.48
C PHE A 161 -3.97 -4.32 2.33
N MET A 162 -5.25 -3.97 2.31
CA MET A 162 -6.30 -4.95 2.03
C MET A 162 -6.11 -5.54 0.63
N ASP A 163 -5.73 -4.69 -0.32
CA ASP A 163 -5.45 -5.15 -1.66
C ASP A 163 -4.24 -6.06 -1.68
N VAL A 164 -3.24 -5.73 -0.86
CA VAL A 164 -2.04 -6.54 -0.74
C VAL A 164 -2.36 -7.93 -0.21
N ILE A 165 -3.17 -7.98 0.85
CA ILE A 165 -3.61 -9.24 1.43
C ILE A 165 -4.30 -10.13 0.39
N LYS A 166 -5.27 -9.55 -0.32
CA LYS A 166 -6.04 -10.28 -1.32
C LYS A 166 -5.18 -10.70 -2.52
N SER A 167 -4.29 -9.80 -2.94
CA SER A 167 -3.39 -10.10 -4.05
CA SER A 167 -3.38 -10.08 -4.05
C SER A 167 -2.46 -11.24 -3.70
N ASP A 168 -1.94 -11.24 -2.48
CA ASP A 168 -1.07 -12.30 -2.00
C ASP A 168 -1.78 -13.64 -2.03
N THR A 169 -3.00 -13.67 -1.49
CA THR A 169 -3.82 -14.86 -1.48
C THR A 169 -4.11 -15.35 -2.91
N ALA A 170 -4.31 -14.39 -3.81
CA ALA A 170 -4.60 -14.70 -5.21
C ALA A 170 -3.42 -15.30 -5.94
N GLY A 171 -2.21 -15.08 -5.41
CA GLY A 171 -1.01 -15.66 -6.00
C GLY A 171 0.05 -14.64 -6.39
N LEU A 172 -0.28 -13.35 -6.29
CA LEU A 172 0.67 -12.29 -6.58
C LEU A 172 1.38 -11.89 -5.29
N LYS A 173 2.60 -12.38 -5.12
CA LYS A 173 3.29 -12.31 -3.83
C LYS A 173 4.17 -11.08 -3.64
N ASN A 174 4.68 -10.53 -4.74
CA ASN A 174 5.62 -9.42 -4.65
C ASN A 174 4.92 -8.06 -4.56
N VAL A 175 4.01 -7.94 -3.60
CA VAL A 175 3.20 -6.74 -3.45
C VAL A 175 3.37 -6.07 -2.08
N VAL A 176 3.42 -4.75 -2.08
CA VAL A 176 3.44 -3.97 -0.85
C VAL A 176 2.55 -2.75 -1.00
N ALA A 177 2.35 -2.03 0.11
CA ALA A 177 1.60 -0.78 0.08
C ALA A 177 2.09 0.14 1.18
N THR A 178 2.02 1.45 0.94
CA THR A 178 2.26 2.41 2.00
C THR A 178 0.99 2.48 2.82
N MET A 179 1.07 3.06 4.01
CA MET A 179 -0.11 3.24 4.84
C MET A 179 -0.88 4.49 4.47
N GLY A 180 -1.36 4.53 3.22
CA GLY A 180 -2.19 5.62 2.74
C GLY A 180 -1.42 6.88 2.40
N THR A 181 -0.10 6.77 2.31
CA THR A 181 0.74 7.94 2.07
C THR A 181 1.44 7.88 0.72
N GLN A 182 1.97 9.03 0.30
CA GLN A 182 2.78 9.09 -0.90
C GLN A 182 4.10 8.38 -0.63
N LEU A 183 4.57 7.60 -1.60
CA LEU A 183 5.83 6.88 -1.48
C LEU A 183 6.97 7.85 -1.18
N SER A 184 7.66 7.62 -0.06
CA SER A 184 8.68 8.55 0.41
C SER A 184 10.05 8.30 -0.22
N ASP A 185 10.96 9.23 0.00
CA ASP A 185 12.34 9.08 -0.45
C ASP A 185 12.99 7.87 0.24
N GLU A 186 12.65 7.68 1.51
CA GLU A 186 13.16 6.54 2.28
C GLU A 186 12.67 5.22 1.68
N HIS A 187 11.38 5.16 1.35
CA HIS A 187 10.80 3.99 0.71
C HIS A 187 11.56 3.63 -0.56
N ILE A 188 11.80 4.64 -1.40
CA ILE A 188 12.49 4.44 -2.67
C ILE A 188 13.91 3.93 -2.46
N THR A 189 14.56 4.43 -1.41
CA THR A 189 15.90 3.96 -1.06
C THR A 189 15.87 2.48 -0.68
N PHE A 190 14.86 2.09 0.10
CA PHE A 190 14.69 0.70 0.50
C PHE A 190 14.43 -0.19 -0.71
N ILE A 191 13.52 0.25 -1.55
CA ILE A 191 13.06 -0.53 -2.70
C ILE A 191 14.18 -0.80 -3.72
N ARG A 192 14.95 0.23 -4.03
CA ARG A 192 16.00 0.11 -5.05
C ARG A 192 17.12 -0.87 -4.67
N LYS A 193 17.20 -1.18 -3.37
CA LYS A 193 18.15 -2.19 -2.90
C LYS A 193 17.69 -3.58 -3.29
N LEU A 194 16.38 -3.74 -3.44
CA LEU A 194 15.78 -5.03 -3.77
C LEU A 194 15.63 -5.22 -5.28
N THR A 195 15.20 -4.17 -5.97
CA THR A 195 14.96 -4.25 -7.40
C THR A 195 14.93 -2.87 -8.05
N SER A 196 15.11 -2.84 -9.36
CA SER A 196 15.03 -1.59 -10.12
C SER A 196 13.71 -1.49 -10.86
N ASN A 197 12.93 -2.56 -10.80
CA ASN A 197 11.64 -2.62 -11.48
C ASN A 197 10.48 -2.45 -10.51
N ILE A 198 9.72 -1.36 -10.68
CA ILE A 198 8.57 -1.12 -9.83
C ILE A 198 7.29 -0.93 -10.67
N THR A 199 6.27 -1.71 -10.33
CA THR A 199 5.00 -1.65 -11.03
C THR A 199 3.93 -1.04 -10.14
N LEU A 200 3.28 0.01 -10.63
CA LEU A 200 2.24 0.70 -9.88
C LEU A 200 0.86 0.20 -10.29
N MET A 201 0.12 -0.35 -9.33
CA MET A 201 -1.27 -0.71 -9.57
C MET A 201 -2.16 -0.06 -8.51
N PHE A 202 -2.43 1.22 -8.68
CA PHE A 202 -3.28 1.96 -7.77
C PHE A 202 -4.74 1.77 -8.17
N ASP A 203 -5.66 2.33 -7.39
CA ASP A 203 -7.08 2.19 -7.67
C ASP A 203 -7.45 2.78 -9.03
N GLY A 204 -8.45 2.18 -9.67
CA GLY A 204 -8.89 2.63 -10.98
C GLY A 204 -9.81 3.83 -10.92
N ASP A 205 -9.33 4.91 -10.30
CA ASP A 205 -10.09 6.15 -10.23
C ASP A 205 -9.18 7.35 -10.45
N PHE A 206 -9.75 8.55 -10.41
CA PHE A 206 -9.00 9.78 -10.67
C PHE A 206 -7.84 9.95 -9.71
N ALA A 207 -8.10 9.75 -8.42
CA ALA A 207 -7.07 9.88 -7.40
C ALA A 207 -5.95 8.87 -7.64
N GLY A 208 -6.32 7.65 -8.05
CA GLY A 208 -5.35 6.62 -8.34
C GLY A 208 -4.48 6.97 -9.52
N SER A 209 -5.10 7.54 -10.56
CA SER A 209 -4.37 7.95 -11.75
C SER A 209 -3.42 9.09 -11.45
N GLU A 210 -3.90 10.06 -10.67
CA GLU A 210 -3.08 11.20 -10.28
C GLU A 210 -1.88 10.76 -9.47
N ALA A 211 -2.10 9.82 -8.54
CA ALA A 211 -1.03 9.30 -7.70
C ALA A 211 -0.03 8.50 -8.54
N THR A 212 -0.55 7.77 -9.53
CA THR A 212 0.29 6.98 -10.42
C THR A 212 1.24 7.88 -11.21
N LEU A 213 0.71 8.96 -11.76
CA LEU A 213 1.51 9.91 -12.52
C LEU A 213 2.57 10.56 -11.65
N LYS A 214 2.17 10.97 -10.45
CA LYS A 214 3.07 11.67 -9.54
C LYS A 214 4.16 10.76 -9.00
N THR A 215 3.76 9.58 -8.53
CA THR A 215 4.70 8.60 -8.00
C THR A 215 5.61 8.06 -9.09
N GLY A 216 5.03 7.74 -10.24
CA GLY A 216 5.78 7.22 -11.37
C GLY A 216 6.82 8.20 -11.87
N GLN A 217 6.45 9.47 -11.92
CA GLN A 217 7.35 10.52 -12.38
C GLN A 217 8.57 10.62 -11.46
N HIS A 218 8.33 10.53 -10.16
CA HIS A 218 9.42 10.65 -9.19
C HIS A 218 10.32 9.43 -9.19
N LEU A 219 9.72 8.24 -9.34
CA LEU A 219 10.48 7.01 -9.43
C LEU A 219 11.38 7.01 -10.67
N LEU A 220 10.83 7.50 -11.78
CA LEU A 220 11.57 7.60 -13.03
C LEU A 220 12.76 8.54 -12.89
N GLN A 221 12.55 9.65 -12.17
CA GLN A 221 13.62 10.60 -11.91
C GLN A 221 14.72 9.99 -11.06
N GLN A 222 14.36 9.02 -10.23
CA GLN A 222 15.32 8.38 -9.34
C GLN A 222 16.04 7.20 -10.00
N GLY A 223 15.78 7.01 -11.29
CA GLY A 223 16.47 5.99 -12.06
C GLY A 223 15.87 4.60 -11.97
N LEU A 224 14.62 4.53 -11.54
CA LEU A 224 13.91 3.25 -11.45
C LEU A 224 13.19 2.95 -12.77
N ASN A 225 13.00 1.66 -13.04
CA ASN A 225 12.20 1.24 -14.18
C ASN A 225 10.73 1.13 -13.77
N VAL A 226 9.90 2.01 -14.31
CA VAL A 226 8.52 2.13 -13.84
C VAL A 226 7.51 1.53 -14.80
N PHE A 227 6.62 0.70 -14.26
CA PHE A 227 5.54 0.10 -15.04
C PHE A 227 4.19 0.40 -14.39
N VAL A 228 3.12 0.33 -15.17
CA VAL A 228 1.79 0.64 -14.67
C VAL A 228 0.77 -0.39 -15.11
N ILE A 229 -0.01 -0.88 -14.16
CA ILE A 229 -1.17 -1.71 -14.47
C ILE A 229 -2.43 -0.92 -14.18
N GLN A 230 -3.23 -0.70 -15.23
CA GLN A 230 -4.43 0.10 -15.10
C GLN A 230 -5.67 -0.76 -14.91
N LEU A 231 -6.23 -0.72 -13.70
CA LEU A 231 -7.43 -1.47 -13.38
C LEU A 231 -8.65 -0.82 -14.02
N PRO A 232 -9.72 -1.61 -14.26
CA PRO A 232 -10.97 -1.07 -14.80
C PRO A 232 -11.50 0.06 -13.93
N SER A 233 -12.24 0.99 -14.53
CA SER A 233 -12.75 2.16 -13.85
C SER A 233 -13.56 1.80 -12.60
N GLY A 234 -13.20 2.41 -11.47
CA GLY A 234 -13.93 2.21 -10.23
C GLY A 234 -13.55 0.97 -9.45
N MET A 235 -12.43 0.34 -9.82
CA MET A 235 -12.00 -0.87 -9.13
C MET A 235 -10.59 -0.77 -8.56
N ASP A 236 -10.39 -1.37 -7.40
CA ASP A 236 -9.06 -1.60 -6.85
C ASP A 236 -8.80 -3.11 -6.93
N PRO A 237 -7.57 -3.57 -6.60
CA PRO A 237 -7.30 -5.01 -6.74
C PRO A 237 -8.30 -5.91 -6.00
N ASP A 238 -8.66 -5.53 -4.77
CA ASP A 238 -9.62 -6.32 -3.99
C ASP A 238 -10.96 -6.46 -4.69
N GLU A 239 -11.42 -5.37 -5.28
CA GLU A 239 -12.71 -5.37 -5.98
C GLU A 239 -12.65 -6.19 -7.27
N TYR A 240 -11.51 -6.12 -7.97
CA TYR A 240 -11.33 -6.90 -9.19
C TYR A 240 -11.33 -8.39 -8.87
N ILE A 241 -10.63 -8.76 -7.80
CA ILE A 241 -10.55 -10.15 -7.36
C ILE A 241 -11.93 -10.67 -6.97
N GLY A 242 -12.69 -9.85 -6.26
CA GLY A 242 -14.02 -10.24 -5.81
C GLY A 242 -15.00 -10.43 -6.95
N LYS A 243 -14.80 -9.71 -8.04
CA LYS A 243 -15.71 -9.77 -9.17
C LYS A 243 -15.32 -10.83 -10.21
N TYR A 244 -14.02 -11.01 -10.42
CA TYR A 244 -13.56 -11.87 -11.50
C TYR A 244 -12.81 -13.12 -11.03
N GLY A 245 -12.33 -13.11 -9.79
CA GLY A 245 -11.65 -14.27 -9.25
C GLY A 245 -10.13 -14.16 -9.27
N ASN A 246 -9.46 -15.11 -8.63
CA ASN A 246 -8.00 -15.10 -8.51
C ASN A 246 -7.27 -15.29 -9.83
N ASP A 247 -7.70 -16.28 -10.62
CA ASP A 247 -7.05 -16.57 -11.89
C ASP A 247 -7.16 -15.41 -12.86
N ALA A 248 -8.33 -14.78 -12.89
CA ALA A 248 -8.56 -13.63 -13.76
C ALA A 248 -7.67 -12.47 -13.33
N PHE A 249 -7.44 -12.35 -12.03
CA PHE A 249 -6.61 -11.26 -11.50
C PHE A 249 -5.15 -11.44 -11.87
N THR A 250 -4.62 -12.64 -11.66
CA THR A 250 -3.21 -12.91 -11.96
C THR A 250 -2.93 -12.88 -13.45
N THR A 251 -3.95 -13.17 -14.25
CA THR A 251 -3.84 -13.06 -15.70
C THR A 251 -3.84 -11.60 -16.14
N PHE A 252 -4.74 -10.83 -15.55
CA PHE A 252 -4.87 -9.41 -15.85
C PHE A 252 -3.58 -8.66 -15.53
N VAL A 253 -3.05 -8.91 -14.34
CA VAL A 253 -1.82 -8.28 -13.88
C VAL A 253 -0.65 -8.61 -14.81
N LYS A 254 -0.68 -9.81 -15.39
CA LYS A 254 0.38 -10.28 -16.28
C LYS A 254 0.19 -9.77 -17.72
N ASN A 255 -1.04 -9.34 -18.03
CA ASN A 255 -1.37 -8.94 -19.39
C ASN A 255 -0.84 -7.56 -19.78
N ASP A 256 -1.57 -6.51 -19.42
CA ASP A 256 -1.21 -5.16 -19.83
C ASP A 256 -0.37 -4.41 -18.78
N LYS A 257 0.94 -4.61 -18.85
CA LYS A 257 1.87 -3.90 -17.99
C LYS A 257 2.68 -2.94 -18.85
N LYS A 258 2.35 -1.65 -18.78
CA LYS A 258 2.98 -0.65 -19.64
C LYS A 258 4.08 0.12 -18.93
N SER A 259 5.14 0.45 -19.67
CA SER A 259 6.15 1.38 -19.18
C SER A 259 5.45 2.69 -18.86
N PHE A 260 5.98 3.42 -17.88
CA PHE A 260 5.35 4.63 -17.39
C PHE A 260 5.03 5.65 -18.48
N ALA A 261 5.98 5.86 -19.39
CA ALA A 261 5.81 6.83 -20.48
C ALA A 261 4.62 6.49 -21.36
N HIS A 262 4.41 5.20 -21.61
CA HIS A 262 3.30 4.76 -22.44
C HIS A 262 1.97 4.98 -21.74
N TYR A 263 1.91 4.65 -20.46
CA TYR A 263 0.72 4.89 -19.65
C TYR A 263 0.39 6.38 -19.60
N LYS A 264 1.42 7.18 -19.35
CA LYS A 264 1.24 8.62 -19.19
C LYS A 264 0.63 9.29 -20.42
N VAL A 265 1.17 8.97 -21.59
CA VAL A 265 0.69 9.58 -22.82
C VAL A 265 -0.72 9.08 -23.16
N SER A 266 -1.04 7.84 -22.77
CA SER A 266 -2.37 7.29 -23.02
C SER A 266 -3.41 8.02 -22.20
N ILE A 267 -3.03 8.46 -21.01
CA ILE A 267 -3.90 9.25 -20.15
C ILE A 267 -4.13 10.64 -20.76
N LEU A 268 -3.08 11.19 -21.34
CA LEU A 268 -3.12 12.55 -21.89
C LEU A 268 -3.56 12.58 -23.35
N LYS A 269 -3.98 11.43 -23.88
CA LYS A 269 -4.27 11.28 -25.30
C LYS A 269 -5.23 12.34 -25.88
N ASP A 270 -6.37 12.50 -25.24
CA ASP A 270 -7.41 13.42 -25.75
C ASP A 270 -6.97 14.88 -25.68
N GLU A 271 -6.32 15.27 -24.60
CA GLU A 271 -5.87 16.65 -24.45
C GLU A 271 -4.81 17.00 -25.49
N ILE A 272 -3.90 16.06 -25.74
CA ILE A 272 -2.86 16.25 -26.74
C ILE A 272 -3.46 16.42 -28.14
N ALA A 273 -4.51 15.65 -28.43
CA ALA A 273 -5.11 15.66 -29.77
C ALA A 273 -5.98 16.88 -30.04
N HIS A 274 -6.36 17.61 -28.99
CA HIS A 274 -7.27 18.74 -29.13
C HIS A 274 -6.65 20.08 -28.74
N ASN A 275 -5.66 20.05 -27.85
CA ASN A 275 -5.02 21.26 -27.35
C ASN A 275 -3.59 21.35 -27.83
N ASP A 276 -3.32 22.27 -28.76
CA ASP A 276 -2.00 22.41 -29.35
C ASP A 276 -0.94 22.87 -28.35
N LEU A 277 -1.35 23.64 -27.35
CA LEU A 277 -0.44 24.07 -26.31
C LEU A 277 -0.02 22.87 -25.47
N SER A 278 -1.00 22.02 -25.13
CA SER A 278 -0.73 20.81 -24.37
C SER A 278 0.07 19.82 -25.20
N TYR A 279 -0.19 19.79 -26.51
CA TYR A 279 0.54 18.96 -27.44
C TYR A 279 2.04 19.22 -27.31
N GLU A 280 2.43 20.49 -27.45
CA GLU A 280 3.83 20.88 -27.38
C GLU A 280 4.45 20.58 -26.01
N ARG A 281 3.73 20.96 -24.96
CA ARG A 281 4.23 20.77 -23.61
CA ARG A 281 4.19 20.76 -23.58
C ARG A 281 4.41 19.29 -23.25
N TYR A 282 3.45 18.46 -23.64
CA TYR A 282 3.54 17.04 -23.33
C TYR A 282 4.50 16.28 -24.23
N LEU A 283 4.75 16.81 -25.43
CA LEU A 283 5.76 16.23 -26.30
C LEU A 283 7.13 16.43 -25.66
N LYS A 284 7.35 17.62 -25.11
CA LYS A 284 8.58 17.91 -24.38
C LYS A 284 8.70 17.07 -23.13
N GLU A 285 7.61 16.96 -22.37
CA GLU A 285 7.60 16.16 -21.15
C GLU A 285 7.92 14.70 -21.43
N LEU A 286 7.19 14.11 -22.37
CA LEU A 286 7.39 12.71 -22.73
C LEU A 286 8.80 12.47 -23.27
N SER A 287 9.33 13.45 -24.00
CA SER A 287 10.71 13.37 -24.47
C SER A 287 11.66 13.30 -23.29
N HIS A 288 11.43 14.15 -22.30
CA HIS A 288 12.23 14.16 -21.08
C HIS A 288 12.07 12.86 -20.30
N ASP A 289 10.84 12.37 -20.21
CA ASP A 289 10.54 11.14 -19.49
C ASP A 289 11.30 9.96 -20.09
N ILE A 290 11.23 9.82 -21.41
CA ILE A 290 11.89 8.73 -22.12
C ILE A 290 13.41 8.81 -21.96
N SER A 291 13.94 10.04 -21.97
CA SER A 291 15.38 10.25 -21.81
C SER A 291 15.88 9.75 -20.46
N LEU A 292 15.00 9.74 -19.46
CA LEU A 292 15.36 9.30 -18.12
C LEU A 292 15.41 7.78 -17.97
N MET A 293 14.80 7.07 -18.93
CA MET A 293 14.75 5.62 -18.85
C MET A 293 16.13 4.98 -19.01
N LYS A 294 16.53 4.23 -17.99
CA LYS A 294 17.86 3.62 -17.96
C LYS A 294 17.97 2.45 -18.93
N SER A 295 16.86 1.74 -19.11
CA SER A 295 16.81 0.59 -20.01
C SER A 295 16.80 1.03 -21.47
N SER A 296 17.88 0.74 -22.18
CA SER A 296 17.98 1.08 -23.60
C SER A 296 16.89 0.38 -24.42
N ILE A 297 16.61 -0.86 -24.06
CA ILE A 297 15.58 -1.64 -24.75
C ILE A 297 14.20 -1.01 -24.59
N LEU A 298 13.83 -0.73 -23.34
CA LEU A 298 12.51 -0.17 -23.07
C LEU A 298 12.41 1.29 -23.51
N GLN A 299 13.54 1.98 -23.54
CA GLN A 299 13.59 3.35 -24.02
C GLN A 299 13.18 3.39 -25.48
N GLN A 300 13.72 2.46 -26.26
CA GLN A 300 13.41 2.37 -27.68
C GLN A 300 11.95 2.00 -27.93
N LYS A 301 11.43 1.06 -27.14
CA LYS A 301 10.03 0.66 -27.29
C LYS A 301 9.08 1.79 -26.91
N ALA A 302 9.44 2.53 -25.86
CA ALA A 302 8.64 3.67 -25.43
C ALA A 302 8.53 4.69 -26.55
N ILE A 303 9.64 4.93 -27.24
CA ILE A 303 9.65 5.85 -28.38
C ILE A 303 8.66 5.40 -29.45
N ASN A 304 8.69 4.11 -29.78
CA ASN A 304 7.76 3.54 -30.76
C ASN A 304 6.31 3.61 -30.31
N ASP A 305 6.07 3.44 -29.02
CA ASP A 305 4.72 3.44 -28.47
C ASP A 305 4.14 4.84 -28.30
N VAL A 306 5.00 5.81 -27.96
CA VAL A 306 4.54 7.17 -27.66
C VAL A 306 4.35 8.01 -28.92
N ALA A 307 5.24 7.86 -29.89
CA ALA A 307 5.20 8.64 -31.13
C ALA A 307 3.82 8.76 -31.84
N PRO A 308 3.06 7.65 -31.97
CA PRO A 308 1.76 7.77 -32.62
C PRO A 308 0.79 8.73 -31.94
N PHE A 309 0.93 8.90 -30.63
CA PHE A 309 0.05 9.80 -29.88
C PHE A 309 0.25 11.27 -30.29
N PHE A 310 1.39 11.57 -30.88
CA PHE A 310 1.68 12.93 -31.33
C PHE A 310 1.67 13.05 -32.84
N ASN A 311 1.26 11.98 -33.51
CA ASN A 311 1.24 11.93 -34.98
C ASN A 311 2.62 12.26 -35.55
N VAL A 312 3.66 11.69 -34.94
CA VAL A 312 5.02 11.85 -35.43
C VAL A 312 5.66 10.48 -35.56
N SER A 313 6.75 10.40 -36.32
CA SER A 313 7.46 9.14 -36.50
C SER A 313 8.37 8.88 -35.29
N PRO A 314 8.68 7.60 -35.02
CA PRO A 314 9.61 7.25 -33.94
C PRO A 314 10.96 7.94 -34.12
N GLU A 315 11.36 8.14 -35.38
CA GLU A 315 12.62 8.81 -35.68
C GLU A 315 12.55 10.28 -35.26
N GLN A 316 11.40 10.91 -35.52
CA GLN A 316 11.18 12.30 -35.14
C GLN A 316 11.20 12.47 -33.63
N LEU A 317 10.55 11.55 -32.92
CA LEU A 317 10.52 11.58 -31.47
C LEU A 317 11.90 11.34 -30.88
N ALA A 318 12.64 10.42 -31.48
CA ALA A 318 14.00 10.11 -31.04
C ALA A 318 14.91 11.33 -31.18
N ASN A 319 14.69 12.10 -32.24
CA ASN A 319 15.45 13.33 -32.47
C ASN A 319 15.20 14.37 -31.37
N GLU A 320 13.93 14.48 -30.96
CA GLU A 320 13.54 15.43 -29.93
C GLU A 320 14.16 15.05 -28.58
N ILE A 321 14.39 13.76 -28.39
CA ILE A 321 15.00 13.25 -27.16
C ILE A 321 16.51 13.44 -27.16
#